data_6MF6
#
_entry.id   6MF6
#
_cell.length_a   135.054
_cell.length_b   135.054
_cell.length_c   75.163
_cell.angle_alpha   90.00
_cell.angle_beta   90.00
_cell.angle_gamma   120.00
#
_symmetry.space_group_name_H-M   'P 65'
#
loop_
_entity.id
_entity.type
_entity.pdbx_description
1 polymer 'Cell cycle serine/threonine-protein kinase CDC5/MSD2'
2 polymer 'DDK kinase regulatory subunit DBF4'
#
loop_
_entity_poly.entity_id
_entity_poly.type
_entity_poly.pdbx_seq_one_letter_code
_entity_poly.pdbx_strand_id
1 'polypeptide(L)'
;GALSPGGTKQKYKEVVDIEAQRRLNDLAREARIRRAQQAVLRKELIATSTNVIKSEISLRILASECHLTLNGIVEAEAQY
KMGGLPKSRLPKIKHPMIVTKWVDYSNKHGFSYQLSTEDIGVLFNNGTTVLRLADAEEFWYISYDDREGWVASHYLLSEK
PRELSRHLEVVDFFAKYMKANLSRVSTFGREEYHKDDVFLRRYTRYKPFVMFELSDGTFQFNFKDHHKMAISDGGKLVTY
ISPSHESTTYPLVEVLKYGEIPGYPESNFREKLTLIKEGLKQKSTIVTVD
;
A,B
2 'polypeptide(L)' RARIERARSIEGAVQVSKGTG D,C
#
# COMPACT_ATOMS: atom_id res chain seq x y z
N ALA A 36 -14.20 -34.64 18.59
CA ALA A 36 -14.53 -33.59 17.64
C ALA A 36 -13.56 -32.42 17.78
N GLN A 37 -12.82 -32.14 16.71
CA GLN A 37 -11.83 -31.07 16.70
C GLN A 37 -12.51 -29.70 16.84
N GLN A 38 -12.17 -29.00 17.92
CA GLN A 38 -12.68 -27.65 18.15
C GLN A 38 -11.86 -26.62 17.39
N ALA A 39 -12.31 -26.27 16.19
CA ALA A 39 -11.65 -25.27 15.36
C ALA A 39 -12.68 -24.46 14.57
N VAL A 40 -12.23 -23.36 13.98
CA VAL A 40 -13.12 -22.44 13.28
C VAL A 40 -12.50 -21.90 11.99
N LEU A 41 -13.37 -21.40 11.11
CA LEU A 41 -12.93 -20.82 9.85
C LEU A 41 -12.11 -19.55 10.10
N ARG A 42 -11.15 -19.31 9.22
CA ARG A 42 -10.33 -18.10 9.30
C ARG A 42 -11.20 -16.88 8.99
N LYS A 43 -10.80 -15.73 9.52
CA LYS A 43 -11.50 -14.48 9.27
C LYS A 43 -11.50 -14.19 7.78
N GLU A 44 -12.50 -13.43 7.33
CA GLU A 44 -12.66 -13.13 5.91
C GLU A 44 -11.44 -12.38 5.37
N LEU A 45 -11.17 -12.55 4.08
CA LEU A 45 -10.05 -11.89 3.41
C LEU A 45 -10.43 -10.50 2.91
N ILE A 46 -10.11 -9.48 3.70
CA ILE A 46 -10.35 -8.11 3.29
C ILE A 46 -9.23 -7.63 2.40
N ALA A 47 -9.59 -6.95 1.31
CA ALA A 47 -8.62 -6.52 0.31
C ALA A 47 -8.59 -5.00 0.19
N THR A 48 -7.52 -4.50 -0.43
CA THR A 48 -7.39 -3.07 -0.69
C THR A 48 -6.49 -2.78 -1.88
N SER A 49 -6.69 -1.60 -2.46
CA SER A 49 -5.84 -1.08 -3.53
C SER A 49 -5.66 -2.00 -4.74
N THR A 50 -6.61 -2.91 -4.97
CA THR A 50 -6.60 -3.69 -6.21
C THR A 50 -6.62 -2.75 -7.39
N ASN A 51 -5.96 -3.12 -8.48
CA ASN A 51 -6.11 -2.38 -9.71
C ASN A 51 -7.53 -2.53 -10.21
N VAL A 52 -8.14 -1.42 -10.63
CA VAL A 52 -9.53 -1.43 -11.06
C VAL A 52 -9.65 -1.64 -12.57
N ILE A 53 -10.69 -2.36 -12.98
CA ILE A 53 -10.94 -2.64 -14.39
C ILE A 53 -12.45 -2.63 -14.66
N LYS A 54 -12.84 -2.18 -15.84
CA LYS A 54 -14.25 -2.08 -16.22
C LYS A 54 -14.72 -3.32 -17.00
N SER A 55 -13.86 -3.83 -17.88
CA SER A 55 -14.22 -4.95 -18.76
C SER A 55 -14.62 -6.21 -18.00
N GLU A 56 -15.92 -6.34 -17.74
CA GLU A 56 -16.47 -7.48 -17.01
C GLU A 56 -15.97 -8.81 -17.56
N ILE A 57 -15.98 -8.95 -18.88
CA ILE A 57 -15.63 -10.23 -19.50
C ILE A 57 -14.22 -10.62 -19.08
N SER A 58 -13.34 -9.63 -18.97
CA SER A 58 -12.00 -9.87 -18.48
C SER A 58 -12.06 -10.46 -17.07
N LEU A 59 -12.92 -9.88 -16.24
CA LEU A 59 -13.13 -10.40 -14.89
C LEU A 59 -13.68 -11.82 -14.98
N ARG A 60 -14.56 -12.05 -15.94
CA ARG A 60 -15.20 -13.35 -16.09
C ARG A 60 -14.16 -14.42 -16.40
N ILE A 61 -13.12 -14.04 -17.15
CA ILE A 61 -12.06 -14.96 -17.51
C ILE A 61 -11.22 -15.31 -16.28
N LEU A 62 -10.84 -14.27 -15.54
CA LEU A 62 -10.08 -14.42 -14.32
C LEU A 62 -10.85 -15.27 -13.32
N ALA A 63 -12.13 -15.00 -13.20
CA ALA A 63 -12.99 -15.73 -12.28
C ALA A 63 -13.07 -17.21 -12.65
N SER A 64 -13.16 -17.47 -13.96
CA SER A 64 -13.22 -18.85 -14.46
C SER A 64 -11.82 -19.47 -14.51
N GLU A 65 -10.79 -18.63 -14.45
CA GLU A 65 -9.41 -19.10 -14.45
C GLU A 65 -8.94 -19.42 -13.04
N CYS A 66 -9.33 -18.58 -12.08
CA CYS A 66 -8.99 -18.80 -10.68
C CYS A 66 -9.57 -20.13 -10.20
N HIS A 67 -10.83 -20.36 -10.55
CA HIS A 67 -11.54 -21.57 -10.14
C HIS A 67 -10.83 -22.82 -10.65
N LEU A 68 -10.22 -22.72 -11.83
CA LEU A 68 -9.50 -23.84 -12.42
C LEU A 68 -8.35 -24.29 -11.53
N THR A 69 -7.40 -23.40 -11.31
CA THR A 69 -6.22 -23.73 -10.49
C THR A 69 -6.65 -24.13 -9.09
N LEU A 70 -7.82 -23.67 -8.67
CA LEU A 70 -8.37 -24.07 -7.37
C LEU A 70 -8.87 -25.51 -7.44
N ASN A 71 -9.55 -25.86 -8.52
CA ASN A 71 -10.03 -27.23 -8.71
C ASN A 71 -8.87 -28.18 -8.98
N GLY A 72 -7.80 -27.66 -9.55
CA GLY A 72 -6.60 -28.43 -9.77
C GLY A 72 -5.88 -28.75 -8.46
N ILE A 73 -6.16 -27.96 -7.44
CA ILE A 73 -5.56 -28.16 -6.11
C ILE A 73 -6.41 -29.12 -5.28
N VAL A 74 -7.73 -28.93 -5.31
CA VAL A 74 -8.66 -29.85 -4.64
C VAL A 74 -8.45 -31.25 -5.18
N GLU A 75 -8.12 -31.34 -6.46
CA GLU A 75 -7.84 -32.62 -7.10
C GLU A 75 -6.50 -33.18 -6.63
N ALA A 76 -5.61 -32.30 -6.16
CA ALA A 76 -4.30 -32.73 -5.67
C ALA A 76 -4.37 -33.14 -4.21
N GLU A 77 -5.13 -32.39 -3.43
CA GLU A 77 -5.37 -32.73 -2.03
C GLU A 77 -6.03 -34.09 -1.92
N ALA A 78 -6.77 -34.46 -2.97
CA ALA A 78 -7.43 -35.75 -3.03
C ALA A 78 -6.46 -36.87 -3.43
N GLN A 79 -5.31 -36.48 -3.98
CA GLN A 79 -4.27 -37.43 -4.37
C GLN A 79 -3.47 -37.89 -3.16
N TYR A 80 -3.21 -36.95 -2.25
CA TYR A 80 -2.50 -37.26 -1.02
C TYR A 80 -3.40 -38.03 -0.04
N LYS A 81 -4.65 -37.60 0.05
CA LYS A 81 -5.59 -38.14 1.04
C LYS A 81 -5.84 -39.63 0.88
N MET A 82 -6.11 -40.06 -0.35
CA MET A 82 -6.46 -41.45 -0.62
C MET A 82 -5.97 -41.94 -1.99
N GLY A 83 -4.93 -41.29 -2.51
CA GLY A 83 -4.35 -41.72 -3.77
C GLY A 83 -3.33 -42.81 -3.54
N GLY A 84 -3.54 -43.96 -4.18
CA GLY A 84 -2.62 -45.08 -4.09
C GLY A 84 -1.53 -44.96 -5.13
N LEU A 85 -0.27 -45.01 -4.69
CA LEU A 85 0.87 -44.78 -5.56
C LEU A 85 0.69 -43.47 -6.33
N PRO A 86 0.51 -42.35 -5.59
CA PRO A 86 0.23 -41.05 -6.21
C PRO A 86 1.40 -40.55 -7.04
N LYS A 87 2.60 -41.04 -6.74
CA LYS A 87 3.81 -40.70 -7.49
C LYS A 87 4.27 -41.87 -8.35
N SER A 88 3.72 -41.97 -9.55
CA SER A 88 4.11 -43.00 -10.50
C SER A 88 4.36 -42.36 -11.87
N ARG A 89 3.28 -42.00 -12.56
CA ARG A 89 3.41 -41.28 -13.83
C ARG A 89 3.90 -39.87 -13.53
N LEU A 90 5.14 -39.58 -13.92
CA LEU A 90 5.79 -38.33 -13.54
C LEU A 90 5.00 -37.09 -13.96
N PRO A 91 5.02 -36.03 -13.12
CA PRO A 91 4.43 -34.73 -13.49
C PRO A 91 5.47 -33.79 -14.08
N LYS A 92 5.03 -32.91 -14.97
CA LYS A 92 5.92 -32.01 -15.69
C LYS A 92 6.72 -31.15 -14.72
N ILE A 93 7.85 -30.63 -15.20
CA ILE A 93 8.75 -29.84 -14.38
C ILE A 93 9.31 -28.65 -15.15
N LYS A 94 8.93 -27.45 -14.75
CA LYS A 94 9.41 -26.24 -15.40
C LYS A 94 9.24 -25.03 -14.49
N HIS A 95 10.27 -24.18 -14.43
CA HIS A 95 10.23 -22.99 -13.58
C HIS A 95 9.34 -21.90 -14.19
N PRO A 96 8.20 -21.61 -13.55
CA PRO A 96 7.33 -20.58 -14.12
C PRO A 96 7.92 -19.19 -13.95
N MET A 97 7.31 -18.20 -14.60
CA MET A 97 7.70 -16.82 -14.38
C MET A 97 7.34 -16.40 -12.96
N ILE A 98 7.85 -15.24 -12.54
CA ILE A 98 7.54 -14.70 -11.22
C ILE A 98 7.94 -13.23 -11.12
N VAL A 99 7.42 -12.56 -10.09
CA VAL A 99 7.72 -11.15 -9.82
C VAL A 99 8.89 -11.02 -8.86
N THR A 100 9.92 -10.28 -9.25
CA THR A 100 11.13 -10.12 -8.45
C THR A 100 11.01 -8.99 -7.44
N LYS A 101 10.79 -7.78 -7.94
CA LYS A 101 10.65 -6.59 -7.12
C LYS A 101 9.45 -5.79 -7.57
N TRP A 102 8.68 -5.27 -6.61
CA TRP A 102 7.41 -4.62 -6.91
C TRP A 102 7.13 -3.45 -5.98
N VAL A 103 6.30 -2.53 -6.46
CA VAL A 103 5.99 -1.29 -5.72
C VAL A 103 4.56 -0.84 -5.98
N ASP A 104 4.01 -0.04 -5.07
CA ASP A 104 2.71 0.58 -5.26
C ASP A 104 2.90 2.09 -5.31
N TYR A 105 2.07 2.77 -6.10
CA TYR A 105 2.11 4.23 -6.17
C TYR A 105 0.71 4.76 -6.50
N SER A 106 0.40 5.94 -5.95
CA SER A 106 -0.98 6.47 -5.96
C SER A 106 -1.21 7.61 -6.97
N ASN A 107 -0.30 8.59 -6.99
CA ASN A 107 -0.54 9.84 -7.73
C ASN A 107 0.44 10.07 -8.88
N LYS A 108 1.68 10.43 -8.57
CA LYS A 108 2.68 10.80 -9.58
C LYS A 108 2.93 9.66 -10.57
N HIS A 109 2.73 8.43 -10.12
CA HIS A 109 2.88 7.26 -10.97
C HIS A 109 1.94 6.16 -10.50
N GLY A 110 1.82 5.10 -11.30
CA GLY A 110 0.97 3.97 -10.97
C GLY A 110 1.73 2.84 -10.31
N PHE A 111 1.02 1.75 -10.02
CA PHE A 111 1.66 0.53 -9.52
C PHE A 111 2.69 0.06 -10.55
N SER A 112 3.83 -0.44 -10.08
CA SER A 112 4.89 -0.90 -10.96
C SER A 112 5.48 -2.23 -10.47
N TYR A 113 6.18 -2.94 -11.35
CA TYR A 113 6.73 -4.25 -10.99
C TYR A 113 7.78 -4.75 -11.98
N GLN A 114 8.49 -5.81 -11.58
CA GLN A 114 9.52 -6.42 -12.42
C GLN A 114 9.44 -7.96 -12.36
N LEU A 115 9.74 -8.62 -13.48
CA LEU A 115 9.54 -10.06 -13.60
C LEU A 115 10.84 -10.85 -13.68
N SER A 116 10.73 -12.17 -13.78
CA SER A 116 11.89 -13.06 -13.84
C SER A 116 12.49 -13.14 -15.25
N THR A 117 12.37 -12.05 -16.00
CA THR A 117 12.97 -11.94 -17.32
C THR A 117 13.58 -10.55 -17.46
N GLU A 118 13.86 -9.93 -16.31
CA GLU A 118 14.35 -8.56 -16.26
C GLU A 118 13.39 -7.62 -16.98
N ASP A 119 12.12 -8.01 -17.02
CA ASP A 119 11.08 -7.21 -17.64
C ASP A 119 10.42 -6.30 -16.61
N ILE A 120 10.09 -5.07 -17.03
CA ILE A 120 9.46 -4.09 -16.15
C ILE A 120 8.07 -3.71 -16.66
N GLY A 121 7.09 -3.72 -15.77
CA GLY A 121 5.72 -3.37 -16.10
C GLY A 121 5.22 -2.20 -15.28
N VAL A 122 4.27 -1.45 -15.83
CA VAL A 122 3.69 -0.30 -15.15
C VAL A 122 2.18 -0.28 -15.30
N LEU A 123 1.47 -0.73 -14.27
CA LEU A 123 0.01 -0.67 -14.29
C LEU A 123 -0.45 0.72 -13.90
N PHE A 124 -0.72 1.55 -14.90
CA PHE A 124 -1.13 2.93 -14.67
C PHE A 124 -2.41 2.98 -13.85
N ASN A 125 -2.70 4.16 -13.31
CA ASN A 125 -3.86 4.34 -12.44
C ASN A 125 -5.18 4.09 -13.16
N ASN A 126 -5.19 4.29 -14.48
CA ASN A 126 -6.41 4.12 -15.28
C ASN A 126 -6.72 2.66 -15.56
N GLY A 127 -5.69 1.82 -15.65
CA GLY A 127 -5.85 0.41 -15.88
C GLY A 127 -4.96 -0.12 -17.00
N THR A 128 -4.45 0.79 -17.83
CA THR A 128 -3.58 0.39 -18.94
C THR A 128 -2.19 0.02 -18.43
N THR A 129 -1.50 -0.81 -19.21
CA THR A 129 -0.16 -1.27 -18.84
C THR A 129 0.85 -1.02 -19.95
N VAL A 130 2.08 -0.69 -19.55
CA VAL A 130 3.21 -0.62 -20.47
C VAL A 130 4.28 -1.58 -19.96
N LEU A 131 4.74 -2.48 -20.84
CA LEU A 131 5.69 -3.51 -20.45
C LEU A 131 7.00 -3.39 -21.24
N ARG A 132 8.12 -3.36 -20.51
CA ARG A 132 9.44 -3.30 -21.11
C ARG A 132 10.04 -4.69 -21.19
N LEU A 133 10.37 -5.13 -22.40
CA LEU A 133 10.87 -6.48 -22.61
C LEU A 133 12.30 -6.63 -22.10
N ALA A 134 12.78 -7.88 -22.07
CA ALA A 134 14.10 -8.20 -21.56
C ALA A 134 15.23 -7.55 -22.36
N ASP A 135 15.13 -7.65 -23.68
CA ASP A 135 16.18 -7.12 -24.57
C ASP A 135 15.97 -5.64 -24.86
N ALA A 136 14.78 -5.14 -24.55
CA ALA A 136 14.54 -3.70 -24.42
C ALA A 136 14.60 -2.89 -25.72
N GLU A 137 14.63 -3.57 -26.87
CA GLU A 137 14.53 -2.87 -28.14
C GLU A 137 13.09 -2.40 -28.35
N GLU A 138 12.17 -3.06 -27.66
CA GLU A 138 10.75 -2.93 -27.94
C GLU A 138 9.92 -2.90 -26.68
N PHE A 139 8.60 -2.79 -26.85
CA PHE A 139 7.68 -2.75 -25.72
C PHE A 139 6.24 -2.96 -26.17
N TRP A 140 5.47 -3.70 -25.38
CA TRP A 140 4.06 -3.89 -25.64
C TRP A 140 3.25 -2.84 -24.88
N TYR A 141 2.16 -2.37 -25.50
CA TYR A 141 1.21 -1.48 -24.83
C TYR A 141 -0.16 -2.15 -24.73
N ILE A 142 -0.55 -2.48 -23.50
CA ILE A 142 -1.76 -3.25 -23.25
C ILE A 142 -2.89 -2.35 -22.74
N SER A 143 -4.08 -2.55 -23.30
CA SER A 143 -5.28 -1.88 -22.81
C SER A 143 -6.25 -2.95 -22.31
N TYR A 144 -7.46 -2.54 -21.96
CA TYR A 144 -8.50 -3.51 -21.63
C TYR A 144 -9.81 -3.09 -22.29
N ASP A 145 -10.47 -4.08 -22.90
CA ASP A 145 -11.73 -3.87 -23.61
C ASP A 145 -12.75 -4.86 -23.08
N ASP A 146 -14.03 -4.48 -23.11
CA ASP A 146 -15.07 -5.33 -22.58
C ASP A 146 -15.33 -6.55 -23.46
N ARG A 147 -15.30 -6.35 -24.79
CA ARG A 147 -15.65 -7.43 -25.70
C ARG A 147 -14.67 -8.62 -25.64
N GLU A 148 -13.41 -8.38 -26.03
CA GLU A 148 -12.43 -9.47 -26.10
C GLU A 148 -11.61 -9.61 -24.82
N GLY A 149 -11.58 -8.56 -24.02
CA GLY A 149 -10.80 -8.54 -22.79
C GLY A 149 -9.56 -7.67 -22.93
N TRP A 150 -8.42 -8.20 -22.52
CA TRP A 150 -7.15 -7.50 -22.65
C TRP A 150 -6.70 -7.49 -24.10
N VAL A 151 -6.17 -6.35 -24.55
CA VAL A 151 -5.67 -6.24 -25.92
C VAL A 151 -4.36 -5.45 -25.99
N ALA A 152 -3.46 -5.87 -26.87
CA ALA A 152 -2.11 -5.30 -26.95
C ALA A 152 -1.77 -4.78 -28.35
N SER A 153 -0.59 -4.16 -28.47
CA SER A 153 -0.10 -3.63 -29.74
C SER A 153 1.41 -3.39 -29.68
N HIS A 154 2.13 -3.90 -30.67
CA HIS A 154 3.59 -3.83 -30.68
C HIS A 154 4.12 -2.51 -31.26
N TYR A 155 5.09 -1.92 -30.58
CA TYR A 155 5.78 -0.72 -31.04
C TYR A 155 7.27 -0.83 -30.74
N LEU A 156 8.05 0.04 -31.38
CA LEU A 156 9.46 0.18 -31.08
C LEU A 156 9.71 1.53 -30.42
N LEU A 157 10.69 1.57 -29.52
CA LEU A 157 11.05 2.81 -28.83
C LEU A 157 11.50 3.87 -29.83
N SER A 158 12.12 3.42 -30.92
CA SER A 158 12.62 4.32 -31.95
C SER A 158 11.50 4.76 -32.89
N GLU A 159 10.58 3.84 -33.19
CA GLU A 159 9.42 4.13 -34.01
C GLU A 159 8.20 4.40 -33.13
N LYS A 160 8.47 4.83 -31.89
CA LYS A 160 7.41 5.10 -30.92
C LYS A 160 6.58 6.31 -31.35
N PRO A 161 5.29 6.33 -30.97
CA PRO A 161 4.41 7.46 -31.32
C PRO A 161 4.50 8.60 -30.31
N ARG A 162 3.68 9.64 -30.53
CA ARG A 162 3.70 10.82 -29.69
C ARG A 162 3.00 10.55 -28.36
N GLU A 163 1.69 10.35 -28.42
CA GLU A 163 0.85 10.19 -27.23
C GLU A 163 1.36 9.12 -26.26
N LEU A 164 2.18 8.20 -26.75
CA LEU A 164 2.71 7.14 -25.90
C LEU A 164 3.96 7.59 -25.16
N SER A 165 4.71 8.51 -25.75
CA SER A 165 5.97 8.97 -25.19
C SER A 165 5.82 9.49 -23.76
N ARG A 166 4.70 10.15 -23.49
CA ARG A 166 4.45 10.69 -22.15
C ARG A 166 4.17 9.59 -21.14
N HIS A 167 3.71 8.44 -21.62
CA HIS A 167 3.49 7.29 -20.77
C HIS A 167 4.81 6.59 -20.47
N LEU A 168 5.77 6.72 -21.38
CA LEU A 168 7.08 6.12 -21.19
C LEU A 168 7.97 6.98 -20.30
N GLU A 169 7.65 8.27 -20.20
CA GLU A 169 8.30 9.15 -19.24
C GLU A 169 8.08 8.57 -17.85
N VAL A 170 6.88 8.06 -17.63
CA VAL A 170 6.52 7.43 -16.36
C VAL A 170 7.33 6.15 -16.17
N VAL A 171 7.40 5.34 -17.22
CA VAL A 171 8.17 4.10 -17.17
C VAL A 171 9.65 4.41 -16.96
N ASP A 172 10.11 5.48 -17.60
CA ASP A 172 11.51 5.88 -17.54
C ASP A 172 11.95 6.14 -16.10
N PHE A 173 11.00 6.55 -15.25
CA PHE A 173 11.30 6.79 -13.84
C PHE A 173 11.36 5.48 -13.05
N PHE A 174 10.41 4.59 -13.28
CA PHE A 174 10.41 3.29 -12.62
C PHE A 174 11.66 2.52 -13.02
N ALA A 175 12.10 2.73 -14.24
CA ALA A 175 13.33 2.12 -14.73
C ALA A 175 14.51 2.61 -13.87
N LYS A 176 14.54 3.91 -13.59
CA LYS A 176 15.59 4.49 -12.78
C LYS A 176 15.50 4.00 -11.33
N TYR A 177 14.29 3.92 -10.82
CA TYR A 177 14.08 3.43 -9.46
C TYR A 177 14.46 1.97 -9.35
N MET A 178 13.83 1.14 -10.17
CA MET A 178 14.08 -0.30 -10.18
C MET A 178 15.55 -0.62 -10.38
N LYS A 179 16.27 0.27 -11.04
CA LYS A 179 17.68 0.05 -11.38
C LYS A 179 18.60 0.20 -10.17
N ALA A 180 18.04 0.63 -9.04
CA ALA A 180 18.85 0.87 -7.84
C ALA A 180 19.42 -0.44 -7.30
N ASN A 181 18.54 -1.41 -7.06
CA ASN A 181 18.93 -2.72 -6.53
C ASN A 181 19.85 -2.62 -5.31
N LEU A 182 19.33 -2.07 -4.21
CA LEU A 182 20.06 -1.99 -2.95
C LEU A 182 21.37 -1.22 -3.09
N HIS A 194 12.62 -17.69 -28.19
CA HIS A 194 12.06 -17.42 -26.86
C HIS A 194 10.73 -18.16 -26.67
N LYS A 195 9.82 -17.55 -25.91
CA LYS A 195 8.48 -18.11 -25.68
C LYS A 195 7.41 -17.04 -25.89
N ASP A 196 6.16 -17.37 -25.60
CA ASP A 196 5.09 -16.39 -25.61
C ASP A 196 5.15 -15.58 -24.31
N ASP A 197 5.29 -14.27 -24.42
CA ASP A 197 5.53 -13.40 -23.26
C ASP A 197 4.34 -13.35 -22.32
N VAL A 198 4.53 -12.66 -21.20
CA VAL A 198 3.57 -12.66 -20.10
C VAL A 198 3.49 -11.28 -19.45
N PHE A 199 2.33 -10.97 -18.86
CA PHE A 199 2.15 -9.71 -18.12
C PHE A 199 1.21 -9.90 -16.93
N LEU A 200 1.10 -8.87 -16.09
CA LEU A 200 0.22 -8.90 -14.92
C LEU A 200 -1.18 -8.40 -15.25
N ARG A 201 -2.17 -9.23 -14.97
CA ARG A 201 -3.57 -8.87 -15.20
C ARG A 201 -4.15 -8.09 -14.02
N ARG A 202 -4.16 -8.73 -12.84
CA ARG A 202 -4.78 -8.15 -11.66
C ARG A 202 -3.94 -8.44 -10.43
N TYR A 203 -3.99 -7.54 -9.46
CA TYR A 203 -3.36 -7.77 -8.17
C TYR A 203 -4.33 -7.38 -7.06
N THR A 204 -4.05 -7.87 -5.86
CA THR A 204 -4.94 -7.64 -4.72
C THR A 204 -4.15 -7.65 -3.41
N ARG A 205 -4.07 -6.49 -2.77
CA ARG A 205 -3.32 -6.35 -1.54
C ARG A 205 -4.15 -6.74 -0.33
N TYR A 206 -3.96 -7.98 0.13
CA TYR A 206 -4.50 -8.40 1.40
C TYR A 206 -3.48 -8.06 2.48
N LYS A 207 -3.87 -8.17 3.75
CA LYS A 207 -2.94 -7.92 4.83
C LYS A 207 -1.86 -9.01 4.87
N PRO A 208 -2.27 -10.28 5.03
CA PRO A 208 -1.27 -11.34 5.17
C PRO A 208 -0.37 -11.52 3.96
N PHE A 209 -0.83 -11.10 2.79
CA PHE A 209 -0.04 -11.28 1.57
C PHE A 209 -0.55 -10.41 0.44
N VAL A 210 0.09 -10.56 -0.72
CA VAL A 210 -0.30 -9.85 -1.93
C VAL A 210 -0.39 -10.85 -3.08
N MET A 211 -1.50 -10.79 -3.82
CA MET A 211 -1.81 -11.78 -4.86
C MET A 211 -1.55 -11.25 -6.27
N PHE A 212 -0.78 -12.01 -7.06
CA PHE A 212 -0.54 -11.69 -8.46
C PHE A 212 -1.19 -12.72 -9.39
N GLU A 213 -2.03 -12.22 -10.30
CA GLU A 213 -2.67 -13.05 -11.32
C GLU A 213 -2.05 -12.73 -12.68
N LEU A 214 -1.39 -13.71 -13.27
CA LEU A 214 -0.63 -13.49 -14.50
C LEU A 214 -1.39 -13.95 -15.75
N SER A 215 -0.88 -13.52 -16.90
CA SER A 215 -1.52 -13.75 -18.16
C SER A 215 -1.31 -15.20 -18.62
N ASP A 216 -0.26 -15.84 -18.14
CA ASP A 216 0.06 -17.22 -18.53
C ASP A 216 -0.69 -18.26 -17.69
N GLY A 217 -1.48 -17.80 -16.72
CA GLY A 217 -2.22 -18.69 -15.84
C GLY A 217 -1.39 -19.09 -14.65
N THR A 218 -0.54 -18.18 -14.17
CA THR A 218 0.33 -18.42 -13.03
C THR A 218 -0.01 -17.44 -11.91
N PHE A 219 -0.33 -17.98 -10.74
CA PHE A 219 -0.67 -17.17 -9.56
C PHE A 219 0.52 -17.09 -8.60
N GLN A 220 0.82 -15.89 -8.10
CA GLN A 220 1.93 -15.70 -7.16
C GLN A 220 1.48 -15.02 -5.86
N PHE A 221 2.19 -15.31 -4.77
CA PHE A 221 1.84 -14.81 -3.45
C PHE A 221 3.08 -14.44 -2.63
N ASN A 222 3.25 -13.16 -2.32
CA ASN A 222 4.28 -12.72 -1.37
C ASN A 222 3.65 -12.56 0.03
N PHE A 223 3.88 -13.55 0.88
CA PHE A 223 3.29 -13.53 2.21
C PHE A 223 4.02 -12.55 3.14
N LYS A 224 3.51 -12.44 4.38
CA LYS A 224 4.03 -11.51 5.36
C LYS A 224 5.46 -11.87 5.77
N ASP A 225 5.63 -13.12 6.20
CA ASP A 225 6.93 -13.59 6.67
C ASP A 225 7.91 -13.84 5.52
N HIS A 226 7.69 -13.17 4.39
CA HIS A 226 8.63 -13.14 3.26
C HIS A 226 8.80 -14.50 2.58
N HIS A 227 8.06 -15.50 3.02
CA HIS A 227 7.94 -16.74 2.26
C HIS A 227 7.10 -16.43 1.03
N LYS A 228 7.67 -16.67 -0.15
CA LYS A 228 6.99 -16.36 -1.40
C LYS A 228 6.79 -17.64 -2.22
N MET A 229 5.58 -17.82 -2.75
CA MET A 229 5.21 -19.05 -3.46
C MET A 229 4.50 -18.73 -4.78
N ALA A 230 4.24 -19.75 -5.60
CA ALA A 230 3.58 -19.56 -6.89
C ALA A 230 2.89 -20.84 -7.39
N ILE A 231 1.74 -20.67 -8.05
CA ILE A 231 0.99 -21.77 -8.65
C ILE A 231 0.93 -21.64 -10.18
N SER A 232 1.32 -22.70 -10.88
CA SER A 232 1.29 -22.71 -12.34
C SER A 232 0.81 -24.04 -12.87
N ASP A 233 0.72 -24.12 -14.19
CA ASP A 233 0.36 -25.35 -14.89
C ASP A 233 -1.04 -25.82 -14.50
N GLY A 234 -1.89 -24.88 -14.10
CA GLY A 234 -3.28 -25.18 -13.80
C GLY A 234 -3.46 -25.84 -12.45
N GLY A 235 -2.72 -25.36 -11.46
CA GLY A 235 -2.79 -25.91 -10.12
C GLY A 235 -2.25 -27.31 -10.06
N LYS A 236 -0.98 -27.47 -10.45
CA LYS A 236 -0.33 -28.77 -10.43
C LYS A 236 1.12 -28.67 -9.96
N LEU A 237 1.72 -27.48 -10.13
CA LEU A 237 3.12 -27.27 -9.81
C LEU A 237 3.28 -26.19 -8.72
N VAL A 238 4.31 -26.34 -7.88
CA VAL A 238 4.56 -25.42 -6.76
C VAL A 238 5.98 -24.89 -6.76
N THR A 239 6.12 -23.57 -6.92
CA THR A 239 7.43 -22.94 -6.94
C THR A 239 7.61 -22.05 -5.71
N TYR A 240 8.10 -22.65 -4.64
CA TYR A 240 8.42 -21.91 -3.42
C TYR A 240 9.75 -21.16 -3.60
N ILE A 241 9.72 -19.86 -3.34
CA ILE A 241 10.93 -19.04 -3.31
C ILE A 241 11.02 -18.40 -1.93
N SER A 242 11.89 -18.97 -1.08
CA SER A 242 12.11 -18.48 0.27
C SER A 242 12.51 -17.01 0.25
N PRO A 243 12.51 -16.36 1.43
CA PRO A 243 13.09 -15.01 1.53
C PRO A 243 14.44 -14.93 0.82
N SER A 244 15.29 -15.94 1.01
CA SER A 244 16.47 -16.11 0.17
C SER A 244 15.99 -16.44 -1.23
N HIS A 245 16.30 -15.57 -2.17
CA HIS A 245 15.71 -15.64 -3.49
C HIS A 245 16.21 -16.86 -4.26
N GLU A 246 15.66 -18.01 -3.90
CA GLU A 246 16.02 -19.30 -4.47
C GLU A 246 14.76 -20.02 -4.96
N SER A 247 14.64 -20.20 -6.28
CA SER A 247 13.45 -20.81 -6.85
C SER A 247 13.61 -22.31 -7.08
N THR A 248 12.60 -23.07 -6.66
CA THR A 248 12.57 -24.52 -6.86
C THR A 248 11.13 -24.98 -7.01
N THR A 249 10.82 -25.69 -8.10
CA THR A 249 9.46 -26.09 -8.39
C THR A 249 9.18 -27.53 -7.96
N TYR A 250 7.93 -27.81 -7.57
CA TYR A 250 7.55 -29.14 -7.08
C TYR A 250 6.12 -29.52 -7.48
N PRO A 251 5.90 -30.80 -7.80
CA PRO A 251 4.50 -31.22 -7.96
C PRO A 251 3.77 -31.16 -6.63
N LEU A 252 2.51 -30.73 -6.67
CA LEU A 252 1.76 -30.48 -5.45
C LEU A 252 1.51 -31.75 -4.64
N VAL A 253 1.34 -32.88 -5.34
CA VAL A 253 1.07 -34.15 -4.69
C VAL A 253 2.30 -34.65 -3.93
N GLU A 254 3.48 -34.22 -4.36
CA GLU A 254 4.72 -34.60 -3.69
C GLU A 254 4.92 -33.84 -2.38
N VAL A 255 4.49 -32.58 -2.36
CA VAL A 255 4.65 -31.74 -1.18
C VAL A 255 3.60 -32.07 -0.11
N LEU A 256 2.41 -32.45 -0.56
CA LEU A 256 1.31 -32.77 0.35
C LEU A 256 1.64 -33.95 1.25
N LYS A 257 2.26 -34.99 0.67
CA LYS A 257 2.64 -36.17 1.43
C LYS A 257 3.70 -35.83 2.48
N TYR A 258 4.47 -34.79 2.21
CA TYR A 258 5.58 -34.42 3.07
C TYR A 258 5.12 -33.73 4.36
N GLY A 259 4.02 -32.99 4.28
CA GLY A 259 3.47 -32.30 5.44
C GLY A 259 4.02 -30.89 5.62
N GLU A 260 4.90 -30.48 4.70
CA GLU A 260 5.50 -29.16 4.76
C GLU A 260 6.24 -28.84 3.45
N ILE A 261 6.79 -27.64 3.37
CA ILE A 261 7.66 -27.25 2.26
C ILE A 261 8.93 -28.09 2.33
N PRO A 262 9.49 -28.49 1.18
CA PRO A 262 10.74 -29.25 1.22
C PRO A 262 11.91 -28.42 1.73
N GLY A 263 12.63 -28.98 2.69
CA GLY A 263 13.82 -28.34 3.22
C GLY A 263 13.52 -27.35 4.33
N TYR A 264 12.71 -26.34 4.02
CA TYR A 264 12.45 -25.24 4.96
C TYR A 264 11.34 -25.58 5.96
N PRO A 265 11.69 -25.80 7.24
CA PRO A 265 10.66 -26.19 8.21
C PRO A 265 9.97 -24.99 8.86
N GLU A 266 10.63 -23.83 8.81
CA GLU A 266 10.08 -22.60 9.39
C GLU A 266 9.01 -21.99 8.50
N SER A 267 8.68 -22.67 7.40
CA SER A 267 7.71 -22.17 6.44
C SER A 267 6.31 -22.03 7.02
N ASN A 268 5.87 -23.04 7.77
CA ASN A 268 4.48 -23.16 8.19
C ASN A 268 3.59 -23.30 6.96
N PHE A 269 3.84 -24.35 6.18
CA PHE A 269 3.21 -24.52 4.88
C PHE A 269 1.71 -24.73 4.94
N ARG A 270 1.29 -25.70 5.75
CA ARG A 270 -0.10 -26.12 5.82
C ARG A 270 -1.05 -24.95 6.05
N GLU A 271 -0.53 -23.86 6.62
CA GLU A 271 -1.32 -22.66 6.84
C GLU A 271 -1.49 -21.85 5.56
N LYS A 272 -0.37 -21.58 4.89
CA LYS A 272 -0.37 -20.72 3.71
C LYS A 272 -1.25 -21.30 2.61
N LEU A 273 -1.21 -22.62 2.44
CA LEU A 273 -2.06 -23.30 1.48
C LEU A 273 -3.51 -22.88 1.68
N THR A 274 -3.97 -22.93 2.92
CA THR A 274 -5.34 -22.54 3.25
C THR A 274 -5.60 -21.10 2.83
N LEU A 275 -4.59 -20.25 2.95
CA LEU A 275 -4.75 -18.84 2.61
C LEU A 275 -4.86 -18.65 1.11
N ILE A 276 -4.19 -19.52 0.35
CA ILE A 276 -4.29 -19.49 -1.10
C ILE A 276 -5.72 -19.83 -1.52
N LYS A 277 -6.19 -20.97 -1.03
CA LYS A 277 -7.53 -21.47 -1.36
C LYS A 277 -8.60 -20.40 -1.25
N GLU A 278 -8.82 -19.90 -0.04
CA GLU A 278 -9.81 -18.86 0.17
C GLU A 278 -9.45 -17.61 -0.62
N GLY A 279 -8.17 -17.47 -0.96
CA GLY A 279 -7.72 -16.38 -1.81
C GLY A 279 -8.36 -16.46 -3.19
N LEU A 280 -8.27 -17.64 -3.80
CA LEU A 280 -8.84 -17.88 -5.12
C LEU A 280 -10.36 -17.92 -5.05
N LYS A 281 -10.89 -18.51 -3.98
CA LYS A 281 -12.34 -18.61 -3.79
C LYS A 281 -12.99 -17.23 -3.93
N GLN A 282 -12.42 -16.25 -3.25
CA GLN A 282 -12.98 -14.89 -3.28
C GLN A 282 -12.81 -14.24 -4.64
N LYS A 283 -11.66 -14.46 -5.26
CA LYS A 283 -11.36 -13.85 -6.54
C LYS A 283 -12.16 -14.49 -7.68
N SER A 284 -12.67 -15.70 -7.44
CA SER A 284 -13.40 -16.44 -8.45
C SER A 284 -14.88 -16.09 -8.47
N THR A 285 -15.35 -15.42 -7.42
CA THR A 285 -16.75 -15.02 -7.34
C THR A 285 -16.98 -13.69 -8.05
N ILE A 286 -15.91 -12.95 -8.31
CA ILE A 286 -16.03 -11.65 -8.99
C ILE A 286 -16.29 -11.84 -10.48
N VAL A 287 -17.56 -11.82 -10.85
CA VAL A 287 -17.95 -11.94 -12.25
C VAL A 287 -18.36 -10.57 -12.78
N THR A 288 -18.64 -9.64 -11.89
CA THR A 288 -19.08 -8.30 -12.27
C THR A 288 -18.27 -7.20 -11.58
N VAL A 289 -18.67 -5.95 -11.79
CA VAL A 289 -18.02 -4.81 -11.15
C VAL A 289 -18.72 -4.46 -9.82
N ASP A 290 -20.03 -4.68 -9.76
CA ASP A 290 -20.81 -4.40 -8.55
C ASP A 290 -20.95 -5.65 -7.68
N GLN B 37 -33.32 10.84 17.17
CA GLN B 37 -34.20 10.82 16.01
C GLN B 37 -33.82 9.68 15.06
N GLN B 38 -32.63 9.78 14.48
CA GLN B 38 -32.10 8.74 13.61
C GLN B 38 -30.62 8.95 13.32
N ALA B 39 -29.77 8.13 13.93
CA ALA B 39 -28.33 8.22 13.73
C ALA B 39 -27.90 7.24 12.65
N VAL B 40 -27.19 7.75 11.65
CA VAL B 40 -26.76 6.97 10.50
C VAL B 40 -25.33 6.47 10.64
N LEU B 41 -25.18 5.16 10.82
CA LEU B 41 -23.85 4.54 10.90
C LEU B 41 -23.33 4.26 9.51
N ARG B 42 -22.33 5.02 9.09
CA ARG B 42 -21.78 4.90 7.74
C ARG B 42 -21.13 3.54 7.52
N LYS B 43 -20.83 3.23 6.26
CA LYS B 43 -20.12 2.01 5.90
C LYS B 43 -18.81 1.93 6.69
N GLU B 44 -18.56 0.77 7.26
CA GLU B 44 -17.43 0.57 8.16
C GLU B 44 -16.11 1.03 7.55
N LEU B 45 -15.32 1.74 8.34
CA LEU B 45 -13.99 2.17 7.94
C LEU B 45 -12.96 1.14 8.39
N ILE B 46 -12.60 0.24 7.48
CA ILE B 46 -11.70 -0.86 7.81
C ILE B 46 -10.26 -0.50 7.52
N ALA B 47 -9.45 -0.40 8.57
CA ALA B 47 -8.03 -0.11 8.44
C ALA B 47 -7.39 -1.12 7.49
N THR B 48 -7.24 -0.71 6.25
CA THR B 48 -6.73 -1.60 5.21
C THR B 48 -5.30 -2.01 5.50
N SER B 49 -4.52 -1.07 6.00
CA SER B 49 -3.12 -1.32 6.34
C SER B 49 -2.59 -0.19 7.21
N THR B 50 -1.80 -0.55 8.21
CA THR B 50 -1.20 0.42 9.12
C THR B 50 0.06 -0.15 9.75
N ASN B 51 1.08 0.69 9.90
CA ASN B 51 2.34 0.27 10.51
C ASN B 51 2.11 -0.33 11.89
N VAL B 52 2.82 -1.42 12.17
CA VAL B 52 2.64 -2.15 13.42
C VAL B 52 3.17 -1.35 14.62
N ILE B 53 2.37 -1.31 15.69
CA ILE B 53 2.75 -0.64 16.93
C ILE B 53 2.48 -1.59 18.10
N LYS B 54 3.45 -1.69 19.00
CA LYS B 54 3.38 -2.65 20.11
C LYS B 54 3.77 -2.03 21.46
N SER B 55 3.91 -0.71 21.49
CA SER B 55 4.20 0.00 22.73
C SER B 55 2.93 0.56 23.33
N GLU B 56 2.48 -0.03 24.44
CA GLU B 56 1.23 0.36 25.08
C GLU B 56 1.24 1.83 25.48
N ILE B 57 2.39 2.31 25.91
CA ILE B 57 2.54 3.72 26.26
C ILE B 57 2.37 4.58 25.01
N SER B 58 2.80 4.05 23.87
CA SER B 58 2.77 4.79 22.62
C SER B 58 1.36 4.85 22.02
N LEU B 59 0.63 3.74 22.12
CA LEU B 59 -0.72 3.67 21.54
C LEU B 59 -1.72 4.49 22.34
N ARG B 60 -1.42 4.70 23.62
CA ARG B 60 -2.26 5.54 24.47
C ARG B 60 -2.16 6.99 24.00
N ILE B 61 -0.95 7.42 23.66
CA ILE B 61 -0.71 8.78 23.15
C ILE B 61 -1.57 9.03 21.92
N LEU B 62 -1.52 8.10 20.97
CA LEU B 62 -2.32 8.20 19.76
C LEU B 62 -3.79 8.13 20.12
N ALA B 63 -4.14 7.17 20.98
CA ALA B 63 -5.53 6.97 21.37
C ALA B 63 -6.09 8.19 22.11
N SER B 64 -5.21 9.04 22.61
CA SER B 64 -5.63 10.24 23.33
C SER B 64 -5.79 11.42 22.39
N GLU B 65 -4.73 11.74 21.64
CA GLU B 65 -4.76 12.85 20.70
C GLU B 65 -5.89 12.68 19.70
N CYS B 66 -6.20 11.42 19.36
CA CYS B 66 -7.40 11.10 18.61
C CYS B 66 -8.62 11.55 19.38
N HIS B 67 -8.66 11.19 20.67
CA HIS B 67 -9.77 11.54 21.54
C HIS B 67 -9.79 13.06 21.78
N LEU B 68 -8.63 13.69 21.67
CA LEU B 68 -8.51 15.12 21.91
C LEU B 68 -9.16 15.94 20.82
N THR B 69 -8.56 15.90 19.62
CA THR B 69 -9.00 16.73 18.51
C THR B 69 -10.45 16.45 18.13
N LEU B 70 -10.87 15.20 18.25
CA LEU B 70 -12.26 14.82 18.01
C LEU B 70 -13.19 15.55 18.97
N ASN B 71 -12.85 15.53 20.25
CA ASN B 71 -13.64 16.22 21.27
C ASN B 71 -13.80 17.70 20.93
N GLY B 72 -12.74 18.31 20.42
CA GLY B 72 -12.78 19.72 20.06
C GLY B 72 -13.62 19.95 18.82
N ILE B 73 -13.70 18.94 17.96
CA ILE B 73 -14.51 19.01 16.75
C ILE B 73 -16.00 19.03 17.10
N VAL B 74 -16.37 18.34 18.18
CA VAL B 74 -17.77 18.32 18.63
C VAL B 74 -18.09 19.59 19.40
N GLU B 75 -17.09 20.15 20.08
CA GLU B 75 -17.25 21.44 20.73
C GLU B 75 -17.50 22.50 19.67
N ALA B 76 -16.69 22.45 18.62
CA ALA B 76 -16.82 23.40 17.51
C ALA B 76 -18.13 23.15 16.77
N GLU B 77 -18.46 21.87 16.57
CA GLU B 77 -19.74 21.50 15.97
C GLU B 77 -20.87 22.11 16.81
N ALA B 78 -20.70 22.09 18.12
CA ALA B 78 -21.67 22.69 19.03
C ALA B 78 -21.61 24.21 18.91
N GLN B 79 -20.41 24.74 18.66
CA GLN B 79 -20.24 26.19 18.54
C GLN B 79 -20.95 26.71 17.29
N TYR B 80 -21.06 25.86 16.27
CA TYR B 80 -21.90 26.17 15.13
C TYR B 80 -23.36 26.12 15.55
N LYS B 81 -23.74 25.00 16.18
CA LYS B 81 -25.10 24.81 16.68
C LYS B 81 -25.51 25.94 17.62
N MET B 82 -24.53 26.54 18.28
CA MET B 82 -24.80 27.65 19.19
C MET B 82 -25.35 28.86 18.44
N GLY B 83 -24.70 29.19 17.33
CA GLY B 83 -24.97 30.42 16.60
C GLY B 83 -23.66 31.02 16.15
N GLY B 84 -22.58 30.55 16.76
CA GLY B 84 -21.24 30.96 16.39
C GLY B 84 -21.01 32.44 16.59
N LEU B 85 -20.90 33.15 15.47
CA LEU B 85 -20.45 34.55 15.42
C LEU B 85 -19.43 34.86 16.53
N PRO B 86 -18.31 34.10 16.56
CA PRO B 86 -17.25 34.37 17.52
C PRO B 86 -16.30 35.44 16.97
N LYS B 87 -16.74 36.69 16.97
CA LYS B 87 -16.05 37.78 16.28
C LYS B 87 -14.70 38.11 16.91
N SER B 88 -14.09 39.20 16.45
CA SER B 88 -12.79 39.63 16.95
C SER B 88 -11.74 38.54 16.78
N ARG B 89 -11.97 37.65 15.82
CA ARG B 89 -11.08 36.53 15.56
C ARG B 89 -10.79 35.75 16.84
N LEU B 90 -11.83 35.18 17.44
CA LEU B 90 -11.66 34.40 18.68
C LEU B 90 -10.70 33.23 18.48
N PRO B 91 -10.84 32.48 17.37
CA PRO B 91 -9.81 31.48 17.06
C PRO B 91 -8.62 32.07 16.31
N LYS B 92 -7.43 31.52 16.50
CA LYS B 92 -6.21 32.06 15.91
C LYS B 92 -5.72 31.23 14.72
N ILE B 93 -5.61 31.88 13.56
CA ILE B 93 -5.26 31.20 12.31
C ILE B 93 -3.76 30.97 12.15
N LYS B 94 -3.41 29.83 11.58
CA LYS B 94 -2.00 29.48 11.36
C LYS B 94 -1.88 28.45 10.23
N HIS B 95 -0.65 27.99 9.97
CA HIS B 95 -0.41 26.93 8.98
C HIS B 95 0.37 25.78 9.61
N PRO B 96 -0.20 24.55 9.60
CA PRO B 96 0.45 23.41 10.25
C PRO B 96 1.39 22.59 9.37
N MET B 97 2.02 21.58 9.98
CA MET B 97 2.98 20.72 9.29
C MET B 97 2.27 19.63 8.47
N ILE B 98 2.62 19.53 7.19
CA ILE B 98 1.93 18.64 6.26
C ILE B 98 2.90 17.78 5.44
N VAL B 99 2.43 16.60 5.04
CA VAL B 99 3.18 15.71 4.17
C VAL B 99 2.95 16.08 2.71
N THR B 100 3.98 16.60 2.04
CA THR B 100 3.85 17.04 0.66
C THR B 100 3.72 15.86 -0.31
N LYS B 101 4.59 14.87 -0.15
CA LYS B 101 4.51 13.65 -0.94
C LYS B 101 4.93 12.43 -0.13
N TRP B 102 4.45 11.26 -0.55
CA TRP B 102 4.63 10.03 0.20
C TRP B 102 4.73 8.80 -0.71
N VAL B 103 5.32 7.74 -0.18
CA VAL B 103 5.50 6.48 -0.90
C VAL B 103 5.54 5.31 0.09
N ASP B 104 4.95 4.18 -0.29
CA ASP B 104 4.94 2.98 0.56
C ASP B 104 6.06 2.04 0.14
N TYR B 105 6.56 1.23 1.06
CA TYR B 105 7.51 0.18 0.71
C TYR B 105 7.54 -0.95 1.73
N SER B 106 7.53 -2.18 1.24
CA SER B 106 7.65 -3.35 2.08
C SER B 106 9.08 -3.47 2.57
N PHE B 111 8.60 2.85 3.87
CA PHE B 111 7.67 3.97 3.95
C PHE B 111 8.45 5.28 4.06
N SER B 112 8.00 6.31 3.35
CA SER B 112 8.64 7.62 3.41
C SER B 112 7.61 8.75 3.43
N TYR B 113 8.06 9.95 3.78
CA TYR B 113 7.18 11.11 3.82
C TYR B 113 7.98 12.41 3.80
N GLN B 114 7.92 13.11 2.67
CA GLN B 114 8.50 14.44 2.59
C GLN B 114 7.46 15.45 3.06
N LEU B 115 7.84 16.28 4.04
CA LEU B 115 6.91 17.24 4.64
C LEU B 115 7.03 18.62 3.97
N SER B 116 6.22 19.57 4.44
CA SER B 116 6.18 20.91 3.86
C SER B 116 7.52 21.63 3.98
N THR B 117 8.25 21.32 5.04
CA THR B 117 9.57 21.88 5.26
C THR B 117 10.64 21.12 4.47
N GLU B 118 10.19 20.33 3.49
CA GLU B 118 11.07 19.52 2.66
C GLU B 118 11.90 18.54 3.51
N ASP B 119 11.48 18.34 4.75
CA ASP B 119 12.05 17.30 5.60
C ASP B 119 11.52 15.95 5.13
N ILE B 120 12.40 14.97 5.04
CA ILE B 120 12.02 13.65 4.57
C ILE B 120 12.28 12.62 5.66
N GLY B 121 11.24 11.85 6.00
CA GLY B 121 11.29 10.88 7.07
C GLY B 121 10.98 9.47 6.62
N VAL B 122 11.87 8.54 6.94
CA VAL B 122 11.69 7.14 6.62
C VAL B 122 11.31 6.35 7.87
N LEU B 123 10.12 5.74 7.84
CA LEU B 123 9.71 4.83 8.91
C LEU B 123 10.06 3.40 8.52
N PHE B 124 10.75 2.70 9.42
CA PHE B 124 11.20 1.34 9.16
C PHE B 124 10.24 0.32 9.76
N ASN B 125 10.52 -0.95 9.50
CA ASN B 125 9.64 -2.05 9.92
C ASN B 125 9.54 -2.18 11.44
N ASN B 126 10.67 -2.05 12.13
CA ASN B 126 10.75 -2.29 13.57
C ASN B 126 10.20 -1.15 14.43
N GLY B 127 9.53 -0.20 13.77
CA GLY B 127 8.92 0.91 14.47
C GLY B 127 9.85 2.09 14.63
N THR B 128 11.09 1.93 14.15
CA THR B 128 12.09 3.00 14.22
C THR B 128 11.99 3.91 13.01
N THR B 129 11.96 5.23 13.26
CA THR B 129 11.85 6.21 12.20
C THR B 129 13.14 7.02 12.08
N VAL B 130 13.48 7.40 10.85
CA VAL B 130 14.65 8.22 10.59
C VAL B 130 14.23 9.47 9.82
N LEU B 131 14.52 10.63 10.38
CA LEU B 131 14.04 11.90 9.84
C LEU B 131 15.19 12.81 9.37
N ARG B 132 15.35 12.93 8.06
CA ARG B 132 16.34 13.84 7.48
C ARG B 132 15.78 15.25 7.37
N LEU B 133 16.55 16.23 7.83
CA LEU B 133 16.03 17.58 8.05
C LEU B 133 16.18 18.52 6.87
N ALA B 134 15.65 19.73 7.04
CA ALA B 134 15.57 20.74 5.99
C ALA B 134 16.95 21.20 5.54
N ASP B 135 17.82 21.50 6.51
CA ASP B 135 19.16 22.01 6.19
C ASP B 135 20.13 20.88 5.85
N ALA B 136 19.68 19.64 6.01
CA ALA B 136 20.25 18.49 5.27
C ALA B 136 21.65 18.01 5.69
N GLU B 137 22.08 18.31 6.92
CA GLU B 137 23.34 17.76 7.44
C GLU B 137 23.10 17.03 8.76
N GLU B 138 21.89 17.16 9.30
CA GLU B 138 21.54 16.52 10.55
C GLU B 138 20.20 15.79 10.42
N PHE B 139 19.98 14.82 11.30
CA PHE B 139 18.77 14.02 11.27
C PHE B 139 18.44 13.45 12.64
N TRP B 140 17.18 13.07 12.85
CA TRP B 140 16.73 12.50 14.11
C TRP B 140 16.32 11.04 13.96
N TYR B 141 17.05 10.16 14.65
CA TYR B 141 16.68 8.75 14.72
C TYR B 141 15.68 8.55 15.84
N ILE B 142 14.56 7.90 15.53
CA ILE B 142 13.50 7.67 16.51
C ILE B 142 13.31 6.17 16.76
N SER B 143 13.02 5.80 18.00
CA SER B 143 12.79 4.41 18.36
C SER B 143 11.87 4.27 19.57
N TYR B 144 11.02 3.25 19.54
CA TYR B 144 10.07 3.01 20.62
C TYR B 144 10.78 2.69 21.94
N ASP B 145 10.21 3.17 23.04
CA ASP B 145 10.80 2.99 24.37
C ASP B 145 9.72 2.75 25.43
N ASP B 146 10.14 2.56 26.68
CA ASP B 146 9.22 2.25 27.78
C ASP B 146 8.80 3.50 28.55
N ARG B 147 9.76 4.12 29.23
CA ARG B 147 9.50 5.29 30.05
C ARG B 147 8.73 6.35 29.27
N GLU B 148 9.11 6.51 28.01
CA GLU B 148 8.37 7.35 27.08
C GLU B 148 8.05 6.52 25.83
N GLY B 149 6.98 6.87 25.14
CA GLY B 149 6.54 6.12 23.98
C GLY B 149 7.57 6.05 22.86
N TRP B 150 8.16 7.20 22.53
CA TRP B 150 9.15 7.31 21.47
C TRP B 150 10.33 8.16 21.92
N VAL B 151 11.53 7.75 21.53
CA VAL B 151 12.76 8.48 21.86
C VAL B 151 13.50 8.93 20.60
N ALA B 152 13.96 10.18 20.59
CA ALA B 152 14.69 10.72 19.44
C ALA B 152 16.06 11.25 19.86
N SER B 153 17.04 11.10 18.97
CA SER B 153 18.39 11.58 19.22
C SER B 153 18.92 12.37 18.02
N HIS B 154 19.78 13.34 18.28
CA HIS B 154 20.34 14.21 17.24
C HIS B 154 21.68 13.70 16.72
N TYR B 155 21.88 13.80 15.41
CA TYR B 155 23.12 13.36 14.77
C TYR B 155 23.48 14.26 13.60
N LEU B 156 24.66 14.03 13.03
CA LEU B 156 25.10 14.72 11.82
C LEU B 156 25.31 13.73 10.69
N LEU B 157 25.16 14.21 9.45
CA LEU B 157 25.24 13.36 8.28
C LEU B 157 26.64 12.79 8.05
N SER B 158 27.64 13.55 8.47
CA SER B 158 29.04 13.16 8.29
C SER B 158 29.37 11.84 8.98
N GLU B 159 29.25 11.83 10.31
CA GLU B 159 29.60 10.66 11.11
C GLU B 159 28.35 9.93 11.60
N LYS B 160 28.43 8.60 11.66
CA LYS B 160 27.31 7.79 12.11
C LYS B 160 27.74 6.35 12.34
N PRO B 161 26.92 5.57 13.08
CA PRO B 161 27.21 4.14 13.31
C PRO B 161 27.36 3.35 12.01
N ARG B 162 28.12 2.25 12.07
CA ARG B 162 28.32 1.40 10.91
C ARG B 162 27.00 0.81 10.43
N GLU B 163 26.14 0.46 11.38
CA GLU B 163 24.84 -0.13 11.06
C GLU B 163 23.87 0.94 10.57
N LEU B 164 24.11 2.18 10.97
CA LEU B 164 23.21 3.29 10.65
C LEU B 164 23.49 3.88 9.27
N SER B 165 24.66 3.59 8.72
CA SER B 165 25.08 4.16 7.45
C SER B 165 24.32 3.56 6.27
N ARG B 166 23.97 2.28 6.37
CA ARG B 166 23.13 1.65 5.35
C ARG B 166 21.81 2.40 5.32
N HIS B 167 21.15 2.45 6.47
CA HIS B 167 19.87 3.14 6.60
C HIS B 167 20.00 4.64 6.33
N LEU B 168 21.22 5.16 6.41
CA LEU B 168 21.47 6.55 6.05
C LEU B 168 21.40 6.69 4.53
N GLU B 169 22.14 5.84 3.83
CA GLU B 169 22.13 5.83 2.37
C GLU B 169 20.72 5.61 1.85
N VAL B 170 19.93 4.83 2.59
CA VAL B 170 18.52 4.59 2.23
C VAL B 170 17.79 5.92 2.12
N VAL B 171 17.90 6.74 3.17
CA VAL B 171 17.23 8.03 3.20
C VAL B 171 17.72 8.94 2.08
N ASP B 172 19.03 8.89 1.81
CA ASP B 172 19.63 9.72 0.78
C ASP B 172 19.03 9.44 -0.60
N PHE B 173 18.76 8.17 -0.88
CA PHE B 173 18.26 7.75 -2.18
C PHE B 173 16.79 8.18 -2.40
N PHE B 174 15.96 7.93 -1.39
CA PHE B 174 14.54 8.26 -1.45
C PHE B 174 14.32 9.72 -1.83
N ALA B 175 15.00 10.61 -1.12
CA ALA B 175 14.89 12.04 -1.36
C ALA B 175 15.23 12.39 -2.80
N LYS B 176 16.27 11.75 -3.32
CA LYS B 176 16.76 12.03 -4.66
C LYS B 176 15.73 11.69 -5.73
N TYR B 177 15.17 10.48 -5.65
CA TYR B 177 14.24 10.00 -6.67
C TYR B 177 12.89 10.70 -6.63
N MET B 178 12.61 11.41 -5.54
CA MET B 178 11.32 12.08 -5.38
C MET B 178 11.33 13.49 -5.97
N LYS B 179 12.52 14.05 -6.16
CA LYS B 179 12.64 15.40 -6.69
C LYS B 179 12.72 15.42 -8.21
N ALA B 180 13.00 14.27 -8.81
CA ALA B 180 13.14 14.16 -10.26
C ALA B 180 11.83 13.77 -10.93
N ASN B 181 10.98 13.03 -10.20
CA ASN B 181 9.73 12.53 -10.75
C ASN B 181 8.62 13.56 -10.75
N LEU B 182 8.46 14.26 -9.61
CA LEU B 182 7.49 15.35 -9.51
C LEU B 182 7.76 16.38 -10.59
N HIS B 194 13.61 29.69 16.19
CA HIS B 194 12.51 28.74 16.19
C HIS B 194 12.90 27.44 15.48
N LYS B 195 13.27 26.43 16.27
CA LYS B 195 13.66 25.13 15.75
C LYS B 195 12.94 24.00 16.49
N ASP B 196 11.64 23.85 16.20
CA ASP B 196 10.83 22.78 16.77
C ASP B 196 10.44 21.81 15.66
N ASP B 197 11.18 20.72 15.56
CA ASP B 197 11.03 19.78 14.47
C ASP B 197 9.79 18.91 14.64
N VAL B 198 9.33 18.33 13.53
CA VAL B 198 8.12 17.50 13.52
C VAL B 198 8.33 16.23 12.70
N PHE B 199 7.66 15.14 13.10
CA PHE B 199 7.73 13.88 12.36
C PHE B 199 6.36 13.21 12.29
N LEU B 200 6.31 12.06 11.61
CA LEU B 200 5.07 11.28 11.50
C LEU B 200 5.13 10.05 12.40
N ARG B 201 4.08 9.87 13.21
CA ARG B 201 4.00 8.73 14.11
C ARG B 201 3.31 7.54 13.44
N ARG B 202 1.98 7.59 13.39
CA ARG B 202 1.20 6.50 12.82
C ARG B 202 0.43 6.96 11.59
N TYR B 203 0.19 6.02 10.68
CA TYR B 203 -0.67 6.24 9.52
C TYR B 203 -1.66 5.09 9.43
N THR B 204 -2.73 5.29 8.67
CA THR B 204 -3.75 4.26 8.50
C THR B 204 -4.49 4.45 7.18
N ARG B 205 -4.11 3.68 6.18
CA ARG B 205 -4.78 3.72 4.88
C ARG B 205 -6.14 3.04 4.94
N TYR B 206 -7.19 3.84 4.75
CA TYR B 206 -8.53 3.32 4.60
C TYR B 206 -8.81 3.24 3.11
N LYS B 207 -10.04 2.92 2.74
CA LYS B 207 -10.41 2.89 1.33
C LYS B 207 -10.82 4.29 0.86
N PRO B 208 -11.68 4.97 1.64
CA PRO B 208 -12.08 6.31 1.20
C PRO B 208 -10.94 7.32 1.23
N PHE B 209 -9.92 7.06 2.07
CA PHE B 209 -8.80 7.98 2.22
C PHE B 209 -7.57 7.30 2.81
N VAL B 210 -6.59 8.11 3.19
CA VAL B 210 -5.45 7.67 3.98
C VAL B 210 -5.20 8.69 5.07
N MET B 211 -4.93 8.22 6.28
CA MET B 211 -4.83 9.07 7.46
C MET B 211 -3.39 9.15 7.96
N PHE B 212 -2.98 10.34 8.38
CA PHE B 212 -1.65 10.54 8.98
C PHE B 212 -1.78 11.10 10.39
N GLU B 213 -0.86 10.69 11.26
CA GLU B 213 -0.88 11.10 12.66
C GLU B 213 0.50 11.61 13.06
N LEU B 214 0.71 12.92 12.93
CA LEU B 214 2.02 13.49 13.17
C LEU B 214 2.29 13.62 14.68
N SER B 215 3.40 14.26 15.02
CA SER B 215 3.84 14.38 16.40
C SER B 215 3.24 15.60 17.09
N ASP B 216 3.04 16.68 16.32
CA ASP B 216 2.52 17.93 16.88
C ASP B 216 1.00 17.88 17.05
N GLY B 217 0.40 16.72 16.86
CA GLY B 217 -1.03 16.53 17.07
C GLY B 217 -1.88 16.75 15.84
N THR B 218 -1.28 17.31 14.80
CA THR B 218 -2.00 17.63 13.57
C THR B 218 -2.22 16.38 12.73
N PHE B 219 -3.48 16.01 12.54
CA PHE B 219 -3.85 14.87 11.70
C PHE B 219 -4.11 15.30 10.25
N GLN B 220 -3.78 14.43 9.30
CA GLN B 220 -3.95 14.74 7.88
C GLN B 220 -4.75 13.64 7.19
N PHE B 221 -5.54 14.02 6.19
CA PHE B 221 -6.45 13.10 5.51
C PHE B 221 -6.43 13.27 4.00
N ASN B 222 -5.53 12.59 3.32
CA ASN B 222 -5.54 12.55 1.85
C ASN B 222 -6.64 11.62 1.36
N PHE B 223 -7.70 12.20 0.81
CA PHE B 223 -8.81 11.41 0.28
C PHE B 223 -8.48 10.84 -1.09
N LYS B 224 -9.40 10.08 -1.65
CA LYS B 224 -9.20 9.42 -2.95
C LYS B 224 -9.24 10.42 -4.10
N ASP B 225 -9.94 11.54 -3.89
CA ASP B 225 -10.13 12.54 -4.94
C ASP B 225 -9.03 13.60 -4.92
N HIS B 226 -7.86 13.24 -4.42
CA HIS B 226 -6.70 14.14 -4.35
C HIS B 226 -6.97 15.40 -3.52
N HIS B 227 -8.14 15.46 -2.88
CA HIS B 227 -8.43 16.52 -1.91
C HIS B 227 -7.75 16.13 -0.60
N LYS B 228 -7.11 17.09 0.05
CA LYS B 228 -6.46 16.86 1.33
C LYS B 228 -6.96 17.87 2.37
N MET B 229 -7.28 17.38 3.56
CA MET B 229 -7.67 18.23 4.68
C MET B 229 -6.86 17.89 5.91
N ALA B 230 -6.35 18.93 6.58
CA ALA B 230 -5.57 18.77 7.81
C ALA B 230 -6.21 19.54 8.96
N ILE B 231 -6.15 18.95 10.15
CA ILE B 231 -6.81 19.50 11.33
C ILE B 231 -5.81 19.79 12.45
N SER B 232 -5.38 21.06 12.55
CA SER B 232 -4.36 21.45 13.51
C SER B 232 -5.00 21.85 14.84
N ASP B 233 -4.15 22.01 15.85
CA ASP B 233 -4.61 22.28 17.21
C ASP B 233 -5.56 21.17 17.67
N GLY B 234 -6.63 21.55 18.38
CA GLY B 234 -7.61 20.58 18.86
C GLY B 234 -8.81 20.48 17.93
N GLY B 235 -8.61 20.91 16.69
CA GLY B 235 -9.69 20.97 15.73
C GLY B 235 -10.27 22.36 15.63
N LYS B 236 -9.76 23.26 16.46
CA LYS B 236 -10.19 24.65 16.41
C LYS B 236 -9.84 25.26 15.06
N LEU B 237 -8.76 24.77 14.45
CA LEU B 237 -8.30 25.27 13.16
C LEU B 237 -8.41 24.18 12.11
N VAL B 238 -8.63 24.57 10.86
CA VAL B 238 -8.79 23.62 9.75
C VAL B 238 -8.05 24.10 8.49
N THR B 239 -7.16 23.25 7.98
CA THR B 239 -6.40 23.58 6.78
C THR B 239 -6.86 22.74 5.59
N TYR B 240 -7.30 23.40 4.53
CA TYR B 240 -7.72 22.73 3.30
C TYR B 240 -6.63 22.90 2.24
N ILE B 241 -6.46 21.85 1.42
CA ILE B 241 -5.47 21.85 0.36
C ILE B 241 -6.09 21.34 -0.94
N SER B 242 -5.91 22.09 -2.02
CA SER B 242 -6.45 21.67 -3.31
C SER B 242 -5.47 20.68 -3.97
N PRO B 243 -5.97 19.87 -4.92
CA PRO B 243 -5.12 18.87 -5.59
C PRO B 243 -3.87 19.48 -6.21
N SER B 244 -3.94 20.76 -6.56
CA SER B 244 -2.85 21.44 -7.23
C SER B 244 -1.98 22.23 -6.26
N HIS B 245 -1.87 21.74 -5.03
CA HIS B 245 -0.92 22.30 -4.06
C HIS B 245 -1.24 23.76 -3.71
N GLU B 246 -2.36 23.96 -3.03
CA GLU B 246 -2.80 25.30 -2.61
C GLU B 246 -3.36 25.25 -1.20
N SER B 247 -2.63 25.80 -0.24
CA SER B 247 -2.99 25.71 1.18
C SER B 247 -3.62 26.98 1.73
N THR B 248 -4.68 26.79 2.51
CA THR B 248 -5.32 27.87 3.26
C THR B 248 -5.88 27.28 4.55
N THR B 249 -5.89 28.06 5.62
CA THR B 249 -6.39 27.59 6.91
C THR B 249 -7.56 28.44 7.40
N TYR B 250 -8.52 27.78 8.04
CA TYR B 250 -9.74 28.44 8.51
C TYR B 250 -10.20 27.85 9.85
N PRO B 251 -10.99 28.63 10.62
CA PRO B 251 -11.55 28.07 11.85
C PRO B 251 -12.68 27.09 11.56
N LEU B 252 -12.67 25.94 12.25
CA LEU B 252 -13.68 24.92 12.02
C LEU B 252 -15.10 25.46 12.20
N VAL B 253 -15.27 26.41 13.11
CA VAL B 253 -16.59 26.96 13.40
C VAL B 253 -17.08 27.88 12.28
N GLU B 254 -16.16 28.64 11.71
CA GLU B 254 -16.50 29.56 10.63
C GLU B 254 -16.87 28.80 9.36
N VAL B 255 -16.16 27.70 9.11
CA VAL B 255 -16.48 26.83 8.00
C VAL B 255 -17.90 26.28 8.16
N LEU B 256 -18.22 25.87 9.39
CA LEU B 256 -19.55 25.35 9.71
C LEU B 256 -20.63 26.40 9.46
N LYS B 257 -20.30 27.66 9.71
CA LYS B 257 -21.23 28.75 9.48
C LYS B 257 -21.52 28.87 7.98
N TYR B 258 -20.47 28.80 7.17
CA TYR B 258 -20.60 28.88 5.72
C TYR B 258 -21.26 27.63 5.15
N GLY B 259 -20.84 26.48 5.68
CA GLY B 259 -21.40 25.21 5.27
C GLY B 259 -20.72 24.66 4.02
N GLU B 260 -19.43 24.94 3.90
CA GLU B 260 -18.56 24.33 2.88
C GLU B 260 -17.17 24.94 2.95
N ILE B 261 -16.22 24.33 2.25
CA ILE B 261 -14.94 24.97 2.00
C ILE B 261 -15.25 26.24 1.20
N PRO B 262 -14.70 27.40 1.62
CA PRO B 262 -15.16 28.68 1.06
C PRO B 262 -15.05 28.82 -0.46
N GLY B 263 -14.07 28.18 -1.09
CA GLY B 263 -13.80 28.35 -2.50
C GLY B 263 -13.89 27.10 -3.35
N TYR B 264 -14.20 25.96 -2.71
CA TYR B 264 -14.32 24.70 -3.42
C TYR B 264 -15.58 23.97 -2.98
N PRO B 265 -16.76 24.53 -3.32
CA PRO B 265 -18.03 23.90 -2.96
C PRO B 265 -18.19 22.51 -3.59
N GLU B 266 -17.28 22.17 -4.51
CA GLU B 266 -17.25 20.84 -5.10
C GLU B 266 -16.84 19.79 -4.07
N SER B 267 -15.82 20.12 -3.28
CA SER B 267 -15.28 19.20 -2.29
C SER B 267 -16.28 18.96 -1.17
N ASN B 268 -16.81 17.75 -1.13
CA ASN B 268 -17.80 17.39 -0.12
C ASN B 268 -17.20 17.37 1.28
N PHE B 269 -17.00 18.56 1.84
CA PHE B 269 -16.55 18.73 3.22
C PHE B 269 -17.36 17.85 4.20
N ARG B 270 -18.67 17.81 3.98
CA ARG B 270 -19.60 17.16 4.89
C ARG B 270 -19.29 15.69 5.01
N GLU B 271 -19.26 15.01 3.86
CA GLU B 271 -18.87 13.62 3.81
C GLU B 271 -17.45 13.46 4.34
N LYS B 272 -16.58 14.42 4.01
CA LYS B 272 -15.19 14.39 4.43
C LYS B 272 -15.04 14.58 5.94
N LEU B 273 -16.00 15.25 6.56
CA LEU B 273 -15.97 15.44 8.00
C LEU B 273 -16.42 14.18 8.73
N THR B 274 -17.56 13.64 8.32
CA THR B 274 -18.15 12.47 8.98
C THR B 274 -17.19 11.29 8.93
N LEU B 275 -16.35 11.25 7.90
CA LEU B 275 -15.36 10.20 7.77
C LEU B 275 -14.21 10.39 8.74
N ILE B 276 -13.78 11.62 8.90
CA ILE B 276 -12.71 11.96 9.84
C ILE B 276 -13.09 11.54 11.27
N LYS B 277 -14.31 11.91 11.68
CA LYS B 277 -14.80 11.60 13.01
C LYS B 277 -14.90 10.09 13.22
N GLU B 278 -15.52 9.41 12.26
CA GLU B 278 -15.62 7.95 12.30
C GLU B 278 -14.23 7.32 12.25
N GLY B 279 -13.30 8.01 11.60
CA GLY B 279 -11.93 7.54 11.50
C GLY B 279 -11.15 7.81 12.78
N LEU B 280 -11.45 8.94 13.40
CA LEU B 280 -10.83 9.29 14.67
C LEU B 280 -11.37 8.40 15.79
N LYS B 281 -12.64 8.04 15.69
CA LYS B 281 -13.25 7.11 16.63
C LYS B 281 -12.47 5.79 16.71
N GLN B 282 -12.15 5.24 15.55
CA GLN B 282 -11.52 3.92 15.45
C GLN B 282 -10.10 3.92 15.99
N LYS B 283 -9.38 5.01 15.79
CA LYS B 283 -7.98 5.11 16.17
C LYS B 283 -7.81 5.54 17.63
N SER B 284 -8.91 5.89 18.28
CA SER B 284 -8.87 6.27 19.70
C SER B 284 -9.18 5.07 20.60
N THR B 285 -9.32 3.89 20.01
CA THR B 285 -9.62 2.68 20.76
C THR B 285 -8.73 1.52 20.34
N ILE B 286 -7.44 1.77 20.22
CA ILE B 286 -6.48 0.73 19.85
C ILE B 286 -5.64 0.28 21.05
N VAL B 287 -5.84 -0.97 21.44
CA VAL B 287 -5.00 -1.65 22.43
C VAL B 287 -4.29 -2.80 21.72
N THR B 288 -3.00 -2.97 21.99
CA THR B 288 -2.14 -3.76 21.09
C THR B 288 -2.37 -5.28 21.12
N VAL B 289 -2.34 -5.90 22.30
CA VAL B 289 -2.40 -7.36 22.40
C VAL B 289 -3.70 -7.88 22.99
N ASP B 290 -4.49 -8.55 22.15
CA ASP B 290 -5.75 -9.18 22.54
C ASP B 290 -6.65 -8.23 23.33
N ALA C 7 14.66 25.97 23.19
CA ALA C 7 14.60 24.57 22.79
C ALA C 7 14.81 24.40 21.28
N ARG C 8 15.87 23.70 20.91
CA ARG C 8 16.21 23.46 19.51
C ARG C 8 15.71 22.09 19.03
N SER C 9 15.00 21.38 19.91
CA SER C 9 14.73 19.96 19.71
C SER C 9 13.31 19.64 19.23
N ILE C 10 13.18 18.47 18.61
CA ILE C 10 11.90 17.93 18.15
C ILE C 10 10.81 18.01 19.22
N GLU C 11 9.56 18.12 18.77
CA GLU C 11 8.39 17.97 19.64
C GLU C 11 7.79 16.59 19.42
N GLY C 12 7.39 15.93 20.50
CA GLY C 12 6.65 14.69 20.42
C GLY C 12 7.45 13.40 20.57
N ALA C 13 8.63 13.50 21.16
CA ALA C 13 9.40 12.33 21.63
C ALA C 13 10.26 12.72 22.84
N VAL C 14 10.60 11.74 23.67
CA VAL C 14 11.58 11.94 24.72
C VAL C 14 12.94 12.06 24.05
N GLN C 15 13.74 13.01 24.52
CA GLN C 15 15.07 13.19 23.95
C GLN C 15 16.08 12.59 24.93
N VAL C 16 16.52 11.37 24.65
CA VAL C 16 17.28 10.57 25.61
C VAL C 16 18.55 11.28 26.12
N ARG D 8 6.11 -15.02 -30.80
CA ARG D 8 6.51 -13.77 -30.16
C ARG D 8 5.28 -13.00 -29.68
N SER D 9 4.10 -13.38 -30.17
CA SER D 9 2.85 -12.83 -29.66
C SER D 9 2.74 -13.14 -28.17
N ILE D 10 2.06 -12.27 -27.43
CA ILE D 10 2.01 -12.38 -25.98
C ILE D 10 0.83 -13.24 -25.50
N GLU D 11 1.15 -14.33 -24.82
CA GLU D 11 0.14 -15.24 -24.30
C GLU D 11 -0.60 -14.61 -23.12
N GLY D 12 -1.91 -14.79 -23.08
CA GLY D 12 -2.71 -14.34 -21.96
C GLY D 12 -3.45 -13.03 -22.19
N ALA D 13 -3.81 -12.80 -23.45
CA ALA D 13 -4.49 -11.58 -23.91
C ALA D 13 -4.62 -11.69 -25.44
N VAL D 14 -5.39 -10.79 -26.04
CA VAL D 14 -5.66 -10.81 -27.48
C VAL D 14 -4.83 -9.74 -28.19
N GLN D 15 -4.33 -10.07 -29.38
CA GLN D 15 -3.60 -9.09 -30.17
C GLN D 15 -4.54 -8.06 -30.79
#